data_4Y7L
#
_entry.id   4Y7L
#
_cell.length_a   64.030
_cell.length_b   64.030
_cell.length_c   249.660
_cell.angle_alpha   90.00
_cell.angle_beta   90.00
_cell.angle_gamma   90.00
#
_symmetry.space_group_name_H-M   'P 41 21 2'
#
loop_
_entity.id
_entity.type
_entity.pdbx_description
1 polymer 'Type VI secretion protein IcmF'
2 non-polymer GLYCEROL
3 non-polymer 'ZINC ION'
4 water water
#
_entity_poly.entity_id   1
_entity_poly.type   'polypeptide(L)'
_entity_poly.pdbx_seq_one_letter_code
;LTPAAESLNARWRTAVVDGWNNAFSGRYPFKNVSSDASLPLLAKYLNTDTGRIARFLQNNLSGVLHREGSRWVPDTINTR
GLTFNPAFLKAINTLSEIADVAFTTGNAGLHFELRPGTAAGVMQTTLITDNQKLIYVNQMPVWKRFTWPADTEAPGASLS
WVSTQAGTRQYADLPGSWGLIRLLEMARRKAAPGVASGWSLSWQAQDGRMLNYTLRTEAGEGPLVLLKLRNFVLPETVFE
;
_entity_poly.pdbx_strand_id   A,B
#
loop_
_chem_comp.id
_chem_comp.type
_chem_comp.name
_chem_comp.formula
GOL non-polymer GLYCEROL 'C3 H8 O3'
ZN non-polymer 'ZINC ION' 'Zn 2'
#
# COMPACT_ATOMS: atom_id res chain seq x y z
N THR A 2 21.76 20.66 -29.76
CA THR A 2 21.53 22.09 -29.53
C THR A 2 21.95 22.50 -28.10
N PRO A 3 22.26 23.79 -27.83
CA PRO A 3 22.66 24.20 -26.46
C PRO A 3 21.60 23.92 -25.38
N ALA A 4 20.31 24.01 -25.76
CA ALA A 4 19.15 23.73 -24.88
C ALA A 4 19.15 22.25 -24.48
N ALA A 5 19.49 21.34 -25.43
CA ALA A 5 19.55 19.90 -25.21
C ALA A 5 20.65 19.55 -24.21
N GLU A 6 21.84 20.17 -24.37
CA GLU A 6 23.02 19.96 -23.55
C GLU A 6 22.82 20.50 -22.13
N SER A 7 22.13 21.67 -21.99
CA SER A 7 21.82 22.23 -20.67
C SER A 7 20.82 21.31 -19.95
N LEU A 8 19.91 20.68 -20.70
CA LEU A 8 18.93 19.75 -20.14
C LEU A 8 19.64 18.46 -19.62
N ASN A 9 20.67 17.96 -20.35
CA ASN A 9 21.44 16.79 -19.91
C ASN A 9 22.14 17.07 -18.57
N ALA A 10 22.72 18.29 -18.41
CA ALA A 10 23.40 18.66 -17.17
C ALA A 10 22.41 18.76 -16.02
N ARG A 11 21.20 19.31 -16.28
CA ARG A 11 20.14 19.44 -15.27
C ARG A 11 19.65 18.07 -14.83
N TRP A 12 19.52 17.12 -15.76
CA TRP A 12 19.10 15.74 -15.50
C TRP A 12 20.07 15.08 -14.49
N ARG A 13 21.40 15.26 -14.69
CA ARG A 13 22.35 14.70 -13.73
C ARG A 13 22.28 15.36 -12.35
N THR A 14 22.23 16.71 -12.32
CA THR A 14 22.15 17.42 -11.05
C THR A 14 20.87 17.14 -10.26
N ALA A 15 19.73 17.20 -10.93
CA ALA A 15 18.44 17.04 -10.29
C ALA A 15 18.09 15.60 -9.96
N VAL A 16 18.55 14.62 -10.79
CA VAL A 16 18.13 13.23 -10.63
C VAL A 16 19.26 12.21 -10.49
N VAL A 17 20.11 12.10 -11.53
CA VAL A 17 21.07 11.00 -11.61
C VAL A 17 22.09 10.99 -10.45
N ASP A 18 22.63 12.16 -10.07
CA ASP A 18 23.61 12.19 -8.99
C ASP A 18 23.05 11.54 -7.70
N GLY A 19 21.82 11.94 -7.34
CA GLY A 19 21.16 11.43 -6.14
C GLY A 19 20.77 9.96 -6.26
N TRP A 20 20.31 9.56 -7.45
CA TRP A 20 19.95 8.16 -7.68
C TRP A 20 21.19 7.28 -7.41
N ASN A 21 22.35 7.64 -7.99
CA ASN A 21 23.54 6.81 -7.82
C ASN A 21 24.06 6.84 -6.39
N ASN A 22 23.93 7.98 -5.69
CA ASN A 22 24.34 8.02 -4.31
C ASN A 22 23.46 7.08 -3.43
N ALA A 23 22.16 6.98 -3.78
CA ALA A 23 21.26 6.16 -3.00
C ALA A 23 21.41 4.69 -3.28
N PHE A 24 21.60 4.33 -4.58
CA PHE A 24 21.46 2.95 -4.99
C PHE A 24 22.71 2.21 -5.46
N SER A 25 23.89 2.88 -5.40
CA SER A 25 25.13 2.22 -5.80
C SER A 25 25.40 1.03 -4.86
N GLY A 26 25.77 -0.14 -5.39
CA GLY A 26 26.10 -1.31 -4.56
C GLY A 26 24.99 -1.75 -3.64
N ARG A 27 23.74 -1.72 -4.14
CA ARG A 27 22.57 -2.13 -3.34
C ARG A 27 21.72 -3.12 -4.11
N TYR A 28 21.16 -4.11 -3.39
CA TYR A 28 20.20 -5.04 -3.97
C TYR A 28 18.88 -4.25 -4.20
N PRO A 29 18.18 -4.38 -5.35
CA PRO A 29 18.33 -5.37 -6.42
C PRO A 29 19.28 -5.03 -7.55
N PHE A 30 19.82 -3.82 -7.57
CA PHE A 30 20.71 -3.39 -8.66
C PHE A 30 21.88 -4.34 -8.82
N LYS A 31 22.43 -4.77 -7.66
CA LYS A 31 23.55 -5.71 -7.60
C LYS A 31 23.20 -6.85 -6.65
N ASN A 32 23.78 -8.04 -6.87
CA ASN A 32 23.51 -9.24 -6.03
C ASN A 32 24.38 -9.16 -4.80
N VAL A 33 24.07 -8.21 -3.91
CA VAL A 33 24.83 -7.92 -2.69
C VAL A 33 23.95 -7.98 -1.45
N SER A 34 24.57 -8.01 -0.25
CA SER A 34 23.79 -8.09 0.98
C SER A 34 23.08 -6.79 1.36
N SER A 35 23.65 -5.61 1.01
CA SER A 35 23.07 -4.33 1.38
C SER A 35 21.84 -4.06 0.53
N ASP A 36 20.74 -3.63 1.18
CA ASP A 36 19.45 -3.44 0.53
C ASP A 36 19.19 -1.99 0.16
N ALA A 37 18.61 -1.77 -1.02
CA ALA A 37 18.18 -0.42 -1.40
C ALA A 37 17.03 0.02 -0.52
N SER A 38 16.93 1.33 -0.27
CA SER A 38 15.84 1.85 0.55
C SER A 38 14.57 1.98 -0.28
N LEU A 39 13.51 1.27 0.12
CA LEU A 39 12.23 1.32 -0.59
C LEU A 39 11.60 2.74 -0.52
N PRO A 40 11.55 3.43 0.65
CA PRO A 40 11.02 4.80 0.64
C PRO A 40 11.82 5.75 -0.28
N LEU A 41 13.16 5.58 -0.36
CA LEU A 41 13.97 6.43 -1.24
C LEU A 41 13.68 6.10 -2.70
N LEU A 42 13.53 4.80 -3.01
CA LEU A 42 13.19 4.41 -4.38
C LEU A 42 11.82 5.02 -4.77
N ALA A 43 10.82 4.98 -3.85
CA ALA A 43 9.52 5.63 -4.13
C ALA A 43 9.70 7.12 -4.43
N LYS A 44 10.55 7.81 -3.69
CA LYS A 44 10.75 9.25 -3.92
C LYS A 44 11.28 9.52 -5.34
N TYR A 45 12.02 8.57 -5.93
CA TYR A 45 12.49 8.73 -7.31
C TYR A 45 11.49 8.26 -8.37
N LEU A 46 10.87 7.09 -8.16
CA LEU A 46 10.10 6.56 -9.30
C LEU A 46 8.58 6.75 -9.16
N ASN A 47 8.04 7.42 -8.09
CA ASN A 47 6.57 7.59 -8.03
C ASN A 47 6.01 8.16 -9.33
N THR A 48 4.91 7.55 -9.84
CA THR A 48 4.30 7.85 -11.14
C THR A 48 4.12 9.32 -11.42
N ASP A 49 3.54 10.06 -10.46
CA ASP A 49 3.24 11.46 -10.64
C ASP A 49 4.09 12.40 -9.81
N THR A 50 4.43 12.00 -8.56
CA THR A 50 5.13 12.91 -7.65
C THR A 50 6.63 12.62 -7.54
N GLY A 51 7.12 11.54 -8.15
CA GLY A 51 8.53 11.17 -8.05
C GLY A 51 9.47 12.19 -8.67
N ARG A 52 10.74 12.15 -8.25
CA ARG A 52 11.71 13.09 -8.79
C ARG A 52 11.85 12.96 -10.32
N ILE A 53 11.80 11.72 -10.84
CA ILE A 53 11.93 11.54 -12.29
C ILE A 53 10.70 12.09 -13.01
N ALA A 54 9.47 11.73 -12.54
CA ALA A 54 8.24 12.24 -13.17
C ALA A 54 8.19 13.75 -13.19
N ARG A 55 8.60 14.40 -12.09
CA ARG A 55 8.61 15.87 -12.02
C ARG A 55 9.62 16.46 -12.99
N PHE A 56 10.80 15.82 -13.12
CA PHE A 56 11.77 16.31 -14.10
C PHE A 56 11.17 16.25 -15.52
N LEU A 57 10.51 15.12 -15.86
CA LEU A 57 9.90 14.93 -17.18
C LEU A 57 8.81 15.96 -17.42
N GLN A 58 8.00 16.24 -16.40
CA GLN A 58 6.93 17.25 -16.51
C GLN A 58 7.49 18.67 -16.66
N ASN A 59 8.56 19.02 -15.91
CA ASN A 59 9.12 20.37 -15.89
C ASN A 59 10.03 20.69 -17.07
N ASN A 60 10.61 19.65 -17.70
CA ASN A 60 11.58 19.87 -18.77
C ASN A 60 11.28 19.27 -20.14
N LEU A 61 10.45 18.21 -20.20
CA LEU A 61 10.21 17.48 -21.44
C LEU A 61 8.76 17.38 -21.88
N SER A 62 7.85 18.23 -21.33
CA SER A 62 6.42 18.16 -21.65
C SER A 62 6.06 18.32 -23.14
N GLY A 63 6.86 19.08 -23.85
CA GLY A 63 6.60 19.30 -25.28
C GLY A 63 7.18 18.27 -26.22
N VAL A 64 8.09 17.40 -25.72
CA VAL A 64 8.75 16.39 -26.57
C VAL A 64 8.49 14.93 -26.13
N LEU A 65 7.89 14.76 -24.94
CA LEU A 65 7.62 13.45 -24.40
C LEU A 65 6.26 13.50 -23.73
N HIS A 66 5.40 12.51 -24.03
CA HIS A 66 4.06 12.48 -23.46
C HIS A 66 3.70 11.12 -22.86
N ARG A 67 2.88 11.14 -21.79
CA ARG A 67 2.38 9.92 -21.16
C ARG A 67 1.32 9.32 -22.08
N GLU A 68 1.26 7.98 -22.11
CA GLU A 68 0.30 7.18 -22.85
C GLU A 68 -0.01 6.05 -21.87
N GLY A 69 -0.94 6.34 -20.95
CA GLY A 69 -1.26 5.47 -19.84
C GLY A 69 -0.08 5.53 -18.88
N SER A 70 0.65 4.40 -18.76
CA SER A 70 1.86 4.28 -17.96
C SER A 70 3.15 4.50 -18.78
N ARG A 71 3.08 4.35 -20.12
CA ARG A 71 4.23 4.53 -21.02
C ARG A 71 4.61 6.00 -21.20
N TRP A 72 5.88 6.23 -21.62
CA TRP A 72 6.40 7.54 -21.97
C TRP A 72 6.79 7.44 -23.41
N VAL A 73 6.08 8.22 -24.25
CA VAL A 73 6.22 8.18 -25.71
C VAL A 73 6.77 9.51 -26.26
N PRO A 74 7.84 9.50 -27.08
CA PRO A 74 8.34 10.77 -27.63
C PRO A 74 7.36 11.34 -28.65
N ASP A 75 7.08 12.67 -28.57
CA ASP A 75 6.14 13.34 -29.47
C ASP A 75 6.68 13.34 -30.89
N THR A 76 5.91 12.73 -31.82
CA THR A 76 6.22 12.54 -33.24
C THR A 76 6.55 13.84 -33.98
N GLY A 81 18.59 19.26 -33.60
CA GLY A 81 19.56 18.64 -32.70
C GLY A 81 18.96 18.10 -31.42
N LEU A 82 17.73 17.52 -31.52
CA LEU A 82 17.01 16.90 -30.42
C LEU A 82 16.58 15.47 -30.76
N THR A 83 17.45 14.50 -30.49
CA THR A 83 17.16 13.08 -30.65
C THR A 83 17.42 12.39 -29.30
N PHE A 84 16.44 11.61 -28.83
CA PHE A 84 16.58 10.94 -27.55
C PHE A 84 17.62 9.85 -27.55
N ASN A 85 18.31 9.72 -26.42
CA ASN A 85 19.24 8.64 -26.17
C ASN A 85 18.31 7.41 -25.99
N PRO A 86 18.37 6.36 -26.85
CA PRO A 86 17.48 5.19 -26.69
C PRO A 86 17.55 4.57 -25.30
N ALA A 87 18.73 4.64 -24.63
CA ALA A 87 18.86 4.10 -23.27
C ALA A 87 17.99 4.91 -22.28
N PHE A 88 17.85 6.21 -22.51
CA PHE A 88 17.01 7.03 -21.63
C PHE A 88 15.53 6.59 -21.75
N LEU A 89 15.04 6.42 -23.00
CA LEU A 89 13.68 5.98 -23.23
C LEU A 89 13.42 4.56 -22.66
N LYS A 90 14.39 3.63 -22.81
CA LYS A 90 14.22 2.30 -22.25
C LYS A 90 14.12 2.40 -20.72
N ALA A 91 15.04 3.19 -20.09
CA ALA A 91 15.08 3.33 -18.65
C ALA A 91 13.81 3.91 -18.05
N ILE A 92 13.29 5.02 -18.61
CA ILE A 92 12.08 5.61 -18.01
C ILE A 92 10.87 4.68 -18.20
N ASN A 93 10.85 3.91 -19.31
CA ASN A 93 9.75 2.97 -19.54
C ASN A 93 9.82 1.80 -18.57
N THR A 94 11.05 1.32 -18.26
CA THR A 94 11.19 0.27 -17.26
C THR A 94 10.69 0.80 -15.88
N LEU A 95 11.14 2.01 -15.48
CA LEU A 95 10.74 2.54 -14.18
C LEU A 95 9.24 2.83 -14.09
N SER A 96 8.62 3.32 -15.20
N SER A 96 8.60 3.29 -15.19
CA SER A 96 7.18 3.58 -15.19
CA SER A 96 7.15 3.55 -15.19
C SER A 96 6.36 2.31 -15.04
C SER A 96 6.36 2.29 -15.01
N GLU A 97 6.84 1.21 -15.61
CA GLU A 97 6.18 -0.08 -15.50
C GLU A 97 6.30 -0.56 -14.03
N ILE A 98 7.50 -0.41 -13.40
CA ILE A 98 7.67 -0.82 -12.00
C ILE A 98 6.76 0.05 -11.12
N ALA A 99 6.72 1.38 -11.35
CA ALA A 99 5.88 2.25 -10.52
C ALA A 99 4.40 1.91 -10.63
N ASP A 100 3.94 1.54 -11.86
CA ASP A 100 2.54 1.21 -12.08
C ASP A 100 2.12 -0.05 -11.35
N VAL A 101 3.05 -0.96 -11.13
CA VAL A 101 2.73 -2.22 -10.48
C VAL A 101 2.93 -2.12 -8.98
N ALA A 102 4.06 -1.54 -8.54
CA ALA A 102 4.51 -1.64 -7.17
C ALA A 102 4.44 -0.37 -6.32
N PHE A 103 4.14 0.80 -6.92
CA PHE A 103 4.13 2.04 -6.12
C PHE A 103 2.85 2.85 -6.32
N THR A 104 1.72 2.18 -6.56
CA THR A 104 0.48 2.91 -6.85
C THR A 104 0.02 3.88 -5.74
N THR A 105 0.34 3.57 -4.48
CA THR A 105 -0.10 4.40 -3.35
C THR A 105 0.87 5.53 -3.02
N GLY A 106 1.96 5.63 -3.77
CA GLY A 106 2.98 6.62 -3.45
C GLY A 106 4.09 6.04 -2.58
N ASN A 107 3.96 4.78 -2.18
CA ASN A 107 4.96 4.03 -1.45
C ASN A 107 4.99 2.61 -2.00
N ALA A 108 6.04 1.82 -1.68
CA ALA A 108 6.07 0.42 -2.13
C ALA A 108 4.90 -0.32 -1.55
N GLY A 109 4.23 -1.11 -2.38
CA GLY A 109 3.10 -1.89 -1.90
C GLY A 109 2.35 -2.52 -3.04
N LEU A 110 2.19 -3.84 -2.97
CA LEU A 110 1.45 -4.59 -3.96
C LEU A 110 0.84 -5.81 -3.31
N HIS A 111 -0.14 -6.41 -3.98
CA HIS A 111 -0.76 -7.67 -3.56
C HIS A 111 -0.60 -8.68 -4.66
N PHE A 112 -0.55 -9.95 -4.29
CA PHE A 112 -0.50 -11.04 -5.24
C PHE A 112 -1.03 -12.28 -4.56
N GLU A 113 -1.31 -13.31 -5.34
CA GLU A 113 -1.80 -14.55 -4.77
C GLU A 113 -0.91 -15.69 -5.19
N LEU A 114 -0.78 -16.70 -4.31
CA LEU A 114 -0.05 -17.91 -4.63
C LEU A 114 -0.98 -19.09 -4.39
N ARG A 115 -0.86 -20.11 -5.24
CA ARG A 115 -1.57 -21.37 -5.09
C ARG A 115 -0.50 -22.44 -5.02
N PRO A 116 -0.43 -23.22 -3.93
CA PRO A 116 0.61 -24.25 -3.87
C PRO A 116 0.33 -25.43 -4.79
N GLY A 117 1.41 -25.98 -5.32
CA GLY A 117 1.39 -27.13 -6.22
C GLY A 117 1.92 -28.37 -5.52
N THR A 118 1.96 -29.47 -6.28
CA THR A 118 2.42 -30.76 -5.78
C THR A 118 3.65 -31.21 -6.53
N ALA A 119 4.40 -32.14 -5.93
CA ALA A 119 5.56 -32.73 -6.57
C ALA A 119 5.80 -34.09 -5.96
N ALA A 120 6.32 -35.03 -6.78
CA ALA A 120 6.64 -36.37 -6.28
C ALA A 120 7.66 -36.29 -5.16
N GLY A 121 7.38 -37.00 -4.08
CA GLY A 121 8.25 -37.07 -2.93
C GLY A 121 8.18 -35.90 -1.97
N VAL A 122 7.32 -34.90 -2.23
CA VAL A 122 7.17 -33.73 -1.34
C VAL A 122 5.91 -33.90 -0.50
N MET A 123 6.06 -33.98 0.83
CA MET A 123 4.96 -34.17 1.79
C MET A 123 4.37 -32.84 2.27
N GLN A 124 5.18 -31.78 2.36
CA GLN A 124 4.76 -30.47 2.85
C GLN A 124 5.68 -29.41 2.29
N THR A 125 5.14 -28.20 2.10
CA THR A 125 5.92 -27.02 1.78
C THR A 125 5.48 -25.89 2.70
N THR A 126 6.42 -25.00 3.07
CA THR A 126 6.10 -23.80 3.85
C THR A 126 6.78 -22.62 3.22
N LEU A 127 6.00 -21.63 2.75
CA LEU A 127 6.57 -20.43 2.18
C LEU A 127 6.17 -19.27 3.09
N ILE A 128 7.13 -18.42 3.46
CA ILE A 128 6.83 -17.27 4.33
C ILE A 128 7.40 -16.02 3.72
N THR A 129 6.64 -14.90 3.74
CA THR A 129 7.18 -13.61 3.35
C THR A 129 6.65 -12.56 4.31
N ASP A 130 7.56 -11.87 5.03
CA ASP A 130 7.19 -10.82 5.99
C ASP A 130 6.10 -11.34 6.97
N ASN A 131 6.35 -12.54 7.52
CA ASN A 131 5.49 -13.22 8.52
C ASN A 131 4.13 -13.69 8.00
N GLN A 132 3.92 -13.71 6.66
CA GLN A 132 2.70 -14.25 6.04
C GLN A 132 3.08 -15.66 5.61
N LYS A 133 2.45 -16.67 6.22
CA LYS A 133 2.81 -18.07 6.04
C LYS A 133 1.80 -18.88 5.25
N LEU A 134 2.31 -19.73 4.33
CA LEU A 134 1.50 -20.64 3.55
C LEU A 134 2.05 -22.05 3.77
N ILE A 135 1.34 -22.87 4.56
CA ILE A 135 1.71 -24.27 4.83
C ILE A 135 0.81 -25.12 3.97
N TYR A 136 1.40 -25.90 3.08
CA TYR A 136 0.61 -26.77 2.22
C TYR A 136 0.95 -28.20 2.50
N VAL A 137 -0.06 -28.97 2.94
CA VAL A 137 0.17 -30.39 3.12
C VAL A 137 -0.83 -31.07 2.17
N ASN A 138 -2.14 -31.09 2.47
CA ASN A 138 -3.08 -31.73 1.53
C ASN A 138 -4.49 -31.13 1.51
N GLN A 139 -4.63 -29.90 2.00
CA GLN A 139 -5.93 -29.21 1.96
C GLN A 139 -6.22 -28.96 0.47
N MET A 140 -7.50 -28.79 0.07
CA MET A 140 -7.81 -28.49 -1.33
C MET A 140 -6.96 -27.24 -1.65
N PRO A 141 -6.16 -27.16 -2.75
CA PRO A 141 -5.36 -25.93 -2.96
C PRO A 141 -6.24 -24.74 -3.35
N VAL A 142 -6.03 -23.63 -2.64
CA VAL A 142 -6.75 -22.37 -2.85
C VAL A 142 -5.70 -21.31 -3.03
N TRP A 143 -6.13 -20.13 -3.50
CA TRP A 143 -5.27 -18.97 -3.68
C TRP A 143 -5.17 -18.24 -2.36
N LYS A 144 -3.93 -17.97 -1.87
CA LYS A 144 -3.71 -17.21 -0.65
C LYS A 144 -3.17 -15.87 -1.07
N ARG A 145 -3.75 -14.80 -0.52
CA ARG A 145 -3.37 -13.43 -0.82
C ARG A 145 -2.21 -12.99 0.08
N PHE A 146 -1.24 -12.31 -0.53
CA PHE A 146 -0.07 -11.78 0.16
C PHE A 146 0.10 -10.32 -0.18
N THR A 147 0.76 -9.60 0.72
CA THR A 147 1.13 -8.21 0.57
C THR A 147 2.66 -8.10 0.60
N TRP A 148 3.25 -7.23 -0.24
CA TRP A 148 4.66 -6.92 -0.20
C TRP A 148 4.87 -5.43 -0.44
N PRO A 149 5.64 -4.74 0.42
CA PRO A 149 6.15 -5.22 1.73
C PRO A 149 4.97 -5.39 2.68
N ALA A 150 5.17 -6.09 3.80
CA ALA A 150 4.16 -6.15 4.86
C ALA A 150 4.87 -5.70 6.12
N ASP A 151 4.25 -4.80 6.90
CA ASP A 151 4.88 -4.32 8.14
C ASP A 151 5.25 -5.48 9.10
N THR A 152 6.56 -5.57 9.46
N THR A 152 6.55 -5.57 9.49
CA THR A 152 7.16 -6.56 10.39
CA THR A 152 7.11 -6.59 10.39
C THR A 152 8.46 -6.05 10.97
C THR A 152 8.46 -6.09 10.95
N GLU A 153 8.81 -6.50 12.19
CA GLU A 153 10.07 -6.13 12.84
C GLU A 153 11.24 -6.87 12.16
N ALA A 154 10.97 -8.12 11.68
CA ALA A 154 11.95 -8.95 10.99
C ALA A 154 11.50 -9.30 9.54
N PRO A 155 11.64 -8.33 8.60
CA PRO A 155 11.23 -8.63 7.21
C PRO A 155 12.14 -9.69 6.58
N GLY A 156 11.61 -10.37 5.58
CA GLY A 156 12.37 -11.37 4.83
C GLY A 156 11.47 -12.44 4.30
N ALA A 157 12.06 -13.40 3.56
CA ALA A 157 11.28 -14.52 3.04
C ALA A 157 12.01 -15.82 3.23
N SER A 158 11.27 -16.91 3.34
CA SER A 158 11.88 -18.21 3.51
C SER A 158 11.04 -19.29 2.88
N LEU A 159 11.67 -20.44 2.60
CA LEU A 159 10.97 -21.55 1.98
C LEU A 159 11.54 -22.83 2.56
N SER A 160 10.66 -23.75 2.94
CA SER A 160 11.05 -25.04 3.48
C SER A 160 10.20 -26.18 2.93
N TRP A 161 10.64 -27.43 3.10
CA TRP A 161 9.85 -28.56 2.62
C TRP A 161 10.12 -29.80 3.45
N VAL A 162 9.18 -30.76 3.43
CA VAL A 162 9.29 -32.08 4.03
C VAL A 162 9.27 -33.06 2.87
N SER A 163 10.25 -33.97 2.77
CA SER A 163 10.21 -34.97 1.69
C SER A 163 9.90 -36.35 2.25
N THR A 164 9.79 -37.36 1.37
CA THR A 164 9.60 -38.75 1.80
C THR A 164 10.93 -39.33 2.41
N GLN A 165 12.07 -38.62 2.29
CA GLN A 165 13.37 -39.11 2.80
C GLN A 165 13.91 -38.37 4.02
N ALA A 166 13.36 -37.19 4.34
CA ALA A 166 13.86 -36.38 5.46
C ALA A 166 12.76 -35.55 6.07
N GLY A 167 12.99 -35.05 7.29
CA GLY A 167 12.07 -34.14 7.95
C GLY A 167 12.21 -32.74 7.34
N THR A 168 11.60 -31.74 7.96
N THR A 168 11.59 -31.72 7.98
CA THR A 168 11.63 -30.36 7.48
CA THR A 168 11.60 -30.30 7.53
C THR A 168 13.05 -29.84 7.21
C THR A 168 13.02 -29.77 7.25
N ARG A 169 13.26 -29.28 6.02
CA ARG A 169 14.55 -28.72 5.61
C ARG A 169 14.32 -27.33 5.05
N GLN A 170 15.30 -26.43 5.25
CA GLN A 170 15.22 -25.08 4.73
C GLN A 170 15.83 -25.01 3.35
N TYR A 171 15.04 -24.51 2.37
CA TYR A 171 15.57 -24.28 1.03
C TYR A 171 16.39 -22.97 1.11
N ALA A 172 15.81 -21.89 1.64
CA ALA A 172 16.50 -20.58 1.76
C ALA A 172 15.81 -19.74 2.80
N ASP A 173 16.59 -18.86 3.44
CA ASP A 173 16.12 -17.83 4.39
C ASP A 173 16.80 -16.57 3.94
N LEU A 174 15.98 -15.63 3.47
CA LEU A 174 16.50 -14.40 2.90
C LEU A 174 15.98 -13.19 3.66
N PRO A 175 16.75 -12.70 4.63
CA PRO A 175 16.26 -11.58 5.45
C PRO A 175 16.27 -10.24 4.74
N GLY A 176 15.50 -9.31 5.27
CA GLY A 176 15.48 -7.94 4.74
C GLY A 176 14.21 -7.65 3.96
N SER A 177 13.96 -6.36 3.69
N SER A 177 13.95 -6.36 3.69
CA SER A 177 12.78 -5.88 2.98
CA SER A 177 12.75 -5.89 2.98
C SER A 177 12.63 -6.44 1.58
C SER A 177 12.62 -6.49 1.60
N TRP A 178 13.76 -6.86 0.96
CA TRP A 178 13.77 -7.43 -0.38
C TRP A 178 13.77 -8.96 -0.38
N GLY A 179 13.54 -9.60 0.79
CA GLY A 179 13.55 -11.06 0.89
C GLY A 179 12.71 -11.78 -0.15
N LEU A 180 11.47 -11.32 -0.34
CA LEU A 180 10.61 -11.95 -1.34
C LEU A 180 11.22 -11.89 -2.74
N ILE A 181 11.80 -10.73 -3.08
CA ILE A 181 12.37 -10.53 -4.42
C ILE A 181 13.59 -11.40 -4.62
N ARG A 182 14.44 -11.49 -3.57
CA ARG A 182 15.61 -12.37 -3.65
C ARG A 182 15.18 -13.83 -3.83
N LEU A 183 14.08 -14.23 -3.18
CA LEU A 183 13.57 -15.61 -3.30
C LEU A 183 13.03 -15.84 -4.71
N LEU A 184 12.22 -14.89 -5.23
CA LEU A 184 11.69 -15.05 -6.57
C LEU A 184 12.81 -15.15 -7.63
N GLU A 185 13.92 -14.42 -7.42
CA GLU A 185 15.09 -14.44 -8.31
C GLU A 185 15.64 -15.89 -8.46
N MET A 186 15.50 -16.71 -7.41
CA MET A 186 16.01 -18.10 -7.37
C MET A 186 15.13 -19.12 -8.08
N ALA A 187 13.86 -18.77 -8.35
CA ALA A 187 12.91 -19.69 -8.96
C ALA A 187 13.08 -19.77 -10.43
N ARG A 188 12.68 -20.93 -10.98
CA ARG A 188 12.52 -21.16 -12.39
C ARG A 188 11.12 -20.60 -12.64
N ARG A 189 11.00 -19.69 -13.62
CA ARG A 189 9.74 -19.01 -13.88
C ARG A 189 9.34 -19.15 -15.33
N LYS A 190 8.05 -19.40 -15.57
CA LYS A 190 7.50 -19.50 -16.93
C LYS A 190 6.02 -19.20 -16.91
N ALA A 191 5.46 -18.77 -18.06
CA ALA A 191 4.03 -18.47 -18.16
C ALA A 191 3.21 -19.69 -17.78
N ALA A 192 2.15 -19.50 -16.96
CA ALA A 192 1.30 -20.61 -16.55
C ALA A 192 0.35 -20.98 -17.71
N PRO A 193 0.18 -22.29 -18.03
CA PRO A 193 -0.71 -22.64 -19.17
C PRO A 193 -2.18 -22.43 -18.84
N GLY A 194 -2.79 -21.46 -19.52
CA GLY A 194 -4.19 -21.12 -19.37
C GLY A 194 -4.58 -20.48 -18.04
N VAL A 195 -3.69 -19.67 -17.45
CA VAL A 195 -3.93 -18.94 -16.19
C VAL A 195 -3.63 -17.45 -16.47
N ALA A 196 -4.71 -16.62 -16.50
CA ALA A 196 -4.66 -15.17 -16.76
C ALA A 196 -3.83 -14.44 -15.71
N SER A 197 -2.80 -13.71 -16.19
CA SER A 197 -1.81 -12.98 -15.37
C SER A 197 -1.14 -13.95 -14.35
N GLY A 198 -0.80 -15.15 -14.86
CA GLY A 198 -0.22 -16.24 -14.09
C GLY A 198 1.15 -16.72 -14.51
N TRP A 199 1.94 -17.17 -13.50
CA TRP A 199 3.28 -17.69 -13.72
C TRP A 199 3.44 -18.95 -12.90
N SER A 200 4.09 -19.95 -13.46
CA SER A 200 4.39 -21.16 -12.71
C SER A 200 5.76 -20.92 -12.10
N LEU A 201 5.87 -21.07 -10.76
CA LEU A 201 7.15 -20.88 -10.09
C LEU A 201 7.63 -22.24 -9.59
N SER A 202 8.92 -22.52 -9.74
N SER A 202 8.92 -22.52 -9.74
CA SER A 202 9.51 -23.78 -9.29
CA SER A 202 9.49 -23.78 -9.28
C SER A 202 10.87 -23.55 -8.68
C SER A 202 10.87 -23.56 -8.69
N TRP A 203 11.05 -23.98 -7.43
CA TRP A 203 12.34 -23.89 -6.77
C TRP A 203 12.87 -25.33 -6.67
N GLN A 204 14.05 -25.58 -7.22
CA GLN A 204 14.66 -26.92 -7.16
C GLN A 204 15.41 -27.03 -5.82
N ALA A 205 14.85 -27.81 -4.89
CA ALA A 205 15.42 -27.97 -3.56
C ALA A 205 16.73 -28.79 -3.57
N GLN A 206 17.47 -28.77 -2.47
CA GLN A 206 18.80 -29.42 -2.34
C GLN A 206 18.76 -30.93 -2.57
N ASP A 207 17.59 -31.56 -2.37
CA ASP A 207 17.41 -33.00 -2.58
C ASP A 207 16.97 -33.34 -4.03
N GLY A 208 16.90 -32.30 -4.88
CA GLY A 208 16.48 -32.42 -6.27
C GLY A 208 14.98 -32.32 -6.51
N ARG A 209 14.17 -32.30 -5.43
N ARG A 209 14.17 -32.30 -5.43
CA ARG A 209 12.72 -32.21 -5.57
CA ARG A 209 12.72 -32.19 -5.53
C ARG A 209 12.27 -30.77 -5.88
C ARG A 209 12.29 -30.78 -5.92
N MET A 210 11.10 -30.63 -6.54
CA MET A 210 10.56 -29.31 -6.95
C MET A 210 9.55 -28.78 -5.98
N LEU A 211 9.69 -27.49 -5.62
CA LEU A 211 8.77 -26.81 -4.73
C LEU A 211 8.00 -25.88 -5.65
N ASN A 212 6.77 -26.30 -5.98
CA ASN A 212 5.90 -25.68 -6.99
C ASN A 212 4.79 -24.81 -6.48
N TYR A 213 4.60 -23.66 -7.15
CA TYR A 213 3.54 -22.72 -6.82
C TYR A 213 3.08 -22.05 -8.11
N THR A 214 1.85 -21.50 -8.11
CA THR A 214 1.40 -20.65 -9.22
C THR A 214 1.23 -19.27 -8.61
N LEU A 215 1.71 -18.26 -9.32
CA LEU A 215 1.60 -16.86 -8.92
C LEU A 215 0.57 -16.17 -9.82
N ARG A 216 -0.38 -15.44 -9.20
CA ARG A 216 -1.41 -14.66 -9.90
C ARG A 216 -1.27 -13.22 -9.42
N THR A 217 -1.32 -12.24 -10.33
CA THR A 217 -1.12 -10.87 -9.91
C THR A 217 -2.36 -10.01 -10.11
N GLU A 218 -2.35 -8.83 -9.49
CA GLU A 218 -3.45 -7.88 -9.65
C GLU A 218 -3.21 -7.07 -10.90
N ALA A 219 -1.93 -6.82 -11.23
CA ALA A 219 -1.51 -6.09 -12.42
C ALA A 219 -0.10 -6.49 -12.85
N GLY A 220 0.09 -6.61 -14.17
CA GLY A 220 1.38 -6.93 -14.78
C GLY A 220 2.07 -8.14 -14.21
N GLU A 221 3.38 -8.03 -13.98
CA GLU A 221 4.23 -9.12 -13.44
C GLU A 221 4.16 -9.24 -11.91
N GLY A 222 3.40 -8.34 -11.27
CA GLY A 222 3.31 -8.30 -9.83
C GLY A 222 4.70 -8.14 -9.22
N PRO A 223 5.07 -8.93 -8.21
CA PRO A 223 6.40 -8.76 -7.61
C PRO A 223 7.58 -9.11 -8.54
N LEU A 224 7.33 -9.88 -9.63
CA LEU A 224 8.42 -10.20 -10.57
C LEU A 224 8.96 -8.96 -11.28
N VAL A 225 8.14 -7.88 -11.33
CA VAL A 225 8.55 -6.64 -11.99
C VAL A 225 9.81 -6.06 -11.36
N LEU A 226 10.00 -6.27 -10.03
CA LEU A 226 11.17 -5.70 -9.34
C LEU A 226 12.47 -6.28 -9.89
N LEU A 227 12.43 -7.48 -10.51
CA LEU A 227 13.64 -8.09 -11.09
C LEU A 227 14.19 -7.32 -12.29
N LYS A 228 13.37 -6.40 -12.87
CA LYS A 228 13.83 -5.54 -13.96
C LYS A 228 14.88 -4.51 -13.45
N LEU A 229 15.03 -4.40 -12.10
CA LEU A 229 16.03 -3.49 -11.56
C LEU A 229 17.44 -4.15 -11.52
N ARG A 230 17.57 -5.46 -11.77
CA ARG A 230 18.91 -6.09 -11.76
C ARG A 230 19.78 -5.51 -12.86
N ASN A 231 20.95 -4.97 -12.47
CA ASN A 231 21.91 -4.36 -13.38
C ASN A 231 21.33 -3.12 -14.04
N PHE A 232 20.26 -2.54 -13.47
CA PHE A 232 19.67 -1.34 -14.03
C PHE A 232 20.61 -0.15 -13.80
N VAL A 233 20.83 0.64 -14.87
CA VAL A 233 21.65 1.84 -14.84
C VAL A 233 20.76 3.01 -15.27
N LEU A 234 20.75 4.10 -14.50
CA LEU A 234 19.99 5.27 -14.91
C LEU A 234 20.94 6.08 -15.84
N PRO A 235 20.59 6.28 -17.13
CA PRO A 235 21.52 6.96 -18.06
C PRO A 235 21.88 8.35 -17.62
N GLU A 236 23.13 8.76 -17.90
CA GLU A 236 23.64 10.07 -17.53
C GLU A 236 23.20 11.15 -18.55
N THR A 237 22.63 10.76 -19.69
N THR A 237 22.63 10.74 -19.71
CA THR A 237 22.17 11.71 -20.72
CA THR A 237 22.23 11.56 -20.86
C THR A 237 20.76 11.39 -21.17
C THR A 237 20.77 11.33 -21.34
N VAL A 238 20.02 12.44 -21.57
CA VAL A 238 18.66 12.39 -22.08
C VAL A 238 18.72 12.41 -23.63
N PHE A 239 19.43 13.40 -24.22
CA PHE A 239 19.52 13.56 -25.69
C PHE A 239 20.89 13.29 -26.27
N GLU A 240 20.91 12.76 -27.51
CA GLU A 240 22.11 12.48 -28.30
C GLU A 240 22.56 13.73 -29.07
N LEU B 1 -1.69 5.34 40.03
CA LEU B 1 -1.24 4.15 40.75
C LEU B 1 0.05 4.33 41.52
N THR B 2 0.81 3.24 41.67
CA THR B 2 2.06 3.19 42.42
C THR B 2 3.16 3.98 41.67
N PRO B 3 4.29 4.23 42.36
CA PRO B 3 5.39 4.93 41.70
C PRO B 3 5.85 4.25 40.40
N ALA B 4 5.86 2.88 40.33
CA ALA B 4 6.28 2.18 39.09
C ALA B 4 5.28 2.46 37.97
N ALA B 5 3.96 2.41 38.29
CA ALA B 5 2.92 2.68 37.30
C ALA B 5 3.03 4.13 36.81
N GLU B 6 3.29 5.08 37.75
CA GLU B 6 3.44 6.48 37.37
C GLU B 6 4.66 6.74 36.49
N SER B 7 5.78 6.04 36.78
CA SER B 7 6.97 6.21 35.96
C SER B 7 6.71 5.74 34.54
N LEU B 8 5.98 4.60 34.37
CA LEU B 8 5.67 4.07 33.04
C LEU B 8 4.75 5.06 32.30
N ASN B 9 3.71 5.61 33.00
CA ASN B 9 2.85 6.59 32.35
C ASN B 9 3.65 7.78 31.85
N ALA B 10 4.62 8.28 32.66
CA ALA B 10 5.46 9.42 32.25
C ALA B 10 6.29 9.06 31.00
N ARG B 11 6.83 7.83 30.96
CA ARG B 11 7.62 7.35 29.80
C ARG B 11 6.73 7.27 28.55
N TRP B 12 5.47 6.82 28.72
CA TRP B 12 4.48 6.72 27.63
C TRP B 12 4.23 8.11 27.03
N ARG B 13 4.10 9.13 27.89
CA ARG B 13 3.89 10.49 27.38
C ARG B 13 5.14 11.03 26.67
N THR B 14 6.34 10.85 27.27
CA THR B 14 7.59 11.34 26.65
C THR B 14 7.90 10.65 25.32
N ALA B 15 7.78 9.32 25.27
CA ALA B 15 8.15 8.56 24.09
C ALA B 15 7.10 8.60 22.99
N VAL B 16 5.79 8.69 23.35
CA VAL B 16 4.71 8.56 22.36
C VAL B 16 3.72 9.71 22.33
N VAL B 17 3.00 9.94 23.46
CA VAL B 17 1.86 10.85 23.44
C VAL B 17 2.24 12.30 23.12
N ASP B 18 3.36 12.80 23.65
CA ASP B 18 3.76 14.19 23.36
C ASP B 18 3.88 14.41 21.85
N GLY B 19 4.56 13.48 21.17
CA GLY B 19 4.77 13.55 19.72
C GLY B 19 3.49 13.37 18.93
N TRP B 20 2.65 12.42 19.38
CA TRP B 20 1.36 12.19 18.73
C TRP B 20 0.56 13.50 18.73
N ASN B 21 0.44 14.17 19.90
CA ASN B 21 -0.36 15.38 19.98
C ASN B 21 0.25 16.52 19.20
N ASN B 22 1.58 16.63 19.18
CA ASN B 22 2.23 17.67 18.36
C ASN B 22 1.93 17.45 16.88
N ALA B 23 1.87 16.19 16.44
CA ALA B 23 1.63 15.89 15.02
C ALA B 23 0.19 16.05 14.63
N PHE B 24 -0.73 15.64 15.55
CA PHE B 24 -2.11 15.47 15.13
C PHE B 24 -3.16 16.37 15.80
N SER B 25 -2.78 17.22 16.78
N SER B 25 -2.77 17.23 16.75
CA SER B 25 -3.77 18.13 17.37
CA SER B 25 -3.75 18.15 17.34
C SER B 25 -4.32 19.07 16.29
C SER B 25 -4.32 19.07 16.27
N GLY B 26 -5.62 19.28 16.29
CA GLY B 26 -6.29 20.18 15.33
C GLY B 26 -6.04 19.82 13.87
N ARG B 27 -6.05 18.50 13.58
CA ARG B 27 -5.87 18.00 12.21
C ARG B 27 -6.95 17.00 11.87
N TYR B 28 -7.42 17.04 10.62
CA TYR B 28 -8.36 16.05 10.13
C TYR B 28 -7.59 14.72 9.99
N PRO B 29 -8.15 13.56 10.40
CA PRO B 29 -9.54 13.29 10.80
C PRO B 29 -9.88 13.46 12.26
N PHE B 30 -8.88 13.73 13.10
CA PHE B 30 -9.12 13.86 14.54
C PHE B 30 -10.13 14.93 14.84
N LYS B 31 -10.03 16.06 14.13
CA LYS B 31 -11.02 17.16 14.23
C LYS B 31 -11.52 17.51 12.82
N ASN B 32 -12.79 18.00 12.72
CA ASN B 32 -13.34 18.32 11.42
C ASN B 32 -12.87 19.70 11.00
N VAL B 33 -11.59 19.82 10.66
CA VAL B 33 -10.92 21.07 10.32
C VAL B 33 -10.26 21.00 8.94
N SER B 34 -9.81 22.17 8.41
N SER B 34 -9.81 22.17 8.41
CA SER B 34 -9.20 22.24 7.08
CA SER B 34 -9.19 22.23 7.08
C SER B 34 -7.79 21.61 7.00
C SER B 34 -7.80 21.58 7.01
N SER B 35 -7.00 21.71 8.07
CA SER B 35 -5.64 21.17 8.10
C SER B 35 -5.64 19.65 8.21
N ASP B 36 -4.80 18.99 7.39
CA ASP B 36 -4.74 17.52 7.29
C ASP B 36 -3.61 16.91 8.08
N ALA B 37 -3.88 15.77 8.74
CA ALA B 37 -2.84 15.01 9.39
C ALA B 37 -1.90 14.41 8.32
N SER B 38 -0.60 14.28 8.65
CA SER B 38 0.34 13.64 7.76
C SER B 38 0.17 12.13 7.75
N LEU B 39 -0.13 11.54 6.57
CA LEU B 39 -0.27 10.07 6.50
C LEU B 39 1.04 9.32 6.79
N PRO B 40 2.21 9.75 6.22
CA PRO B 40 3.46 9.04 6.59
C PRO B 40 3.75 9.13 8.10
N LEU B 41 3.44 10.27 8.75
CA LEU B 41 3.70 10.42 10.19
C LEU B 41 2.74 9.52 10.97
N LEU B 42 1.47 9.45 10.52
CA LEU B 42 0.50 8.56 11.18
C LEU B 42 0.99 7.09 11.09
N ALA B 43 1.50 6.68 9.89
CA ALA B 43 2.02 5.32 9.77
C ALA B 43 3.18 5.10 10.76
N LYS B 44 4.07 6.08 10.93
CA LYS B 44 5.20 5.92 11.87
C LYS B 44 4.71 5.69 13.31
N TYR B 45 3.52 6.19 13.68
CA TYR B 45 2.96 5.92 15.00
C TYR B 45 2.17 4.62 15.10
N LEU B 46 1.29 4.36 14.13
CA LEU B 46 0.38 3.22 14.34
C LEU B 46 0.75 1.94 13.59
N ASN B 47 1.90 1.88 12.86
CA ASN B 47 2.23 0.62 12.16
C ASN B 47 2.19 -0.56 13.14
N THR B 48 1.56 -1.67 12.71
CA THR B 48 1.26 -2.86 13.52
C THR B 48 2.44 -3.34 14.34
N ASP B 49 3.59 -3.53 13.68
CA ASP B 49 4.78 -4.06 14.33
C ASP B 49 5.91 -3.08 14.51
N THR B 50 6.09 -2.15 13.54
CA THR B 50 7.22 -1.23 13.59
C THR B 50 6.88 0.18 14.11
N GLY B 51 5.60 0.48 14.33
CA GLY B 51 5.16 1.80 14.77
C GLY B 51 5.71 2.21 16.13
N ARG B 52 5.71 3.51 16.43
N ARG B 52 5.73 3.50 16.43
CA ARG B 52 6.20 4.03 17.70
CA ARG B 52 6.23 4.00 17.71
C ARG B 52 5.41 3.46 18.89
C ARG B 52 5.41 3.44 18.89
N ILE B 53 4.11 3.26 18.70
CA ILE B 53 3.26 2.70 19.77
C ILE B 53 3.60 1.22 19.98
N ALA B 54 3.63 0.42 18.88
CA ALA B 54 3.95 -1.00 19.00
C ALA B 54 5.33 -1.22 19.66
N ARG B 55 6.32 -0.40 19.28
CA ARG B 55 7.66 -0.53 19.86
C ARG B 55 7.65 -0.16 21.35
N PHE B 56 6.87 0.87 21.75
CA PHE B 56 6.78 1.17 23.17
C PHE B 56 6.18 -0.03 23.93
N LEU B 57 5.11 -0.62 23.40
CA LEU B 57 4.43 -1.78 24.02
C LEU B 57 5.40 -2.95 24.14
N GLN B 58 6.19 -3.19 23.09
CA GLN B 58 7.18 -4.29 23.11
C GLN B 58 8.31 -4.02 24.09
N ASN B 59 8.81 -2.77 24.17
CA ASN B 59 9.97 -2.44 25.02
C ASN B 59 9.63 -2.26 26.49
N ASN B 60 8.36 -1.94 26.82
CA ASN B 60 7.99 -1.63 28.21
C ASN B 60 6.87 -2.46 28.85
N LEU B 61 6.01 -3.06 28.03
CA LEU B 61 4.84 -3.77 28.55
C LEU B 61 4.76 -5.26 28.15
N SER B 62 5.87 -5.87 27.69
CA SER B 62 5.87 -7.26 27.22
C SER B 62 5.42 -8.30 28.25
N GLY B 63 5.63 -8.01 29.53
CA GLY B 63 5.24 -8.92 30.61
C GLY B 63 3.79 -8.79 31.07
N VAL B 64 3.10 -7.69 30.68
CA VAL B 64 1.72 -7.45 31.13
C VAL B 64 0.71 -7.33 29.97
N LEU B 65 1.17 -7.27 28.72
CA LEU B 65 0.30 -7.10 27.56
C LEU B 65 0.82 -7.97 26.42
N HIS B 66 -0.07 -8.66 25.70
CA HIS B 66 0.37 -9.48 24.56
C HIS B 66 -0.59 -9.38 23.37
N ARG B 67 -0.11 -9.78 22.19
CA ARG B 67 -0.87 -9.79 20.93
C ARG B 67 -1.66 -11.09 20.78
N GLU B 68 -2.89 -10.98 20.24
CA GLU B 68 -3.77 -12.09 19.89
C GLU B 68 -4.31 -11.72 18.51
N GLY B 69 -3.47 -11.97 17.51
CA GLY B 69 -3.73 -11.62 16.12
C GLY B 69 -3.36 -10.17 15.95
N SER B 70 -4.36 -9.33 15.66
CA SER B 70 -4.14 -7.89 15.52
C SER B 70 -4.40 -7.21 16.86
N ARG B 71 -5.18 -7.88 17.73
CA ARG B 71 -5.59 -7.43 19.06
C ARG B 71 -4.48 -7.41 20.10
N TRP B 72 -4.62 -6.53 21.12
CA TRP B 72 -3.74 -6.39 22.28
C TRP B 72 -4.56 -6.73 23.51
N VAL B 73 -4.03 -7.68 24.30
CA VAL B 73 -4.73 -8.25 25.43
C VAL B 73 -3.94 -8.17 26.75
N PRO B 74 -4.55 -7.75 27.87
CA PRO B 74 -3.83 -7.81 29.15
C PRO B 74 -3.61 -9.27 29.55
N ASP B 75 -2.44 -9.59 30.13
CA ASP B 75 -2.06 -10.95 30.57
C ASP B 75 -2.98 -11.48 31.68
N ILE B 77 -1.77 -9.44 34.92
CA ILE B 77 -1.47 -8.10 34.42
C ILE B 77 -2.41 -6.94 34.87
N ASN B 78 -3.09 -6.95 36.04
CA ASN B 78 -3.33 -7.94 37.11
C ASN B 78 -2.07 -8.50 37.82
N THR B 79 -1.00 -7.69 37.96
CA THR B 79 0.07 -8.02 38.92
C THR B 79 -0.63 -7.29 40.08
N ARG B 80 -0.33 -7.61 41.34
CA ARG B 80 -1.00 -6.91 42.44
C ARG B 80 -0.97 -5.37 42.29
N GLY B 81 -2.12 -4.73 42.56
CA GLY B 81 -2.29 -3.28 42.51
C GLY B 81 -1.93 -2.56 41.22
N LEU B 82 -1.90 -3.27 40.08
CA LEU B 82 -1.57 -2.69 38.76
C LEU B 82 -2.77 -2.89 37.82
N THR B 83 -3.41 -1.78 37.36
CA THR B 83 -4.59 -1.96 36.52
C THR B 83 -4.55 -0.98 35.33
N PHE B 84 -4.83 -1.52 34.14
CA PHE B 84 -4.84 -0.71 32.92
C PHE B 84 -5.98 0.29 32.90
N ASN B 85 -5.69 1.44 32.30
CA ASN B 85 -6.70 2.44 32.04
C ASN B 85 -7.55 1.82 30.87
N PRO B 86 -8.87 1.53 31.08
CA PRO B 86 -9.66 0.92 30.01
C PRO B 86 -9.64 1.70 28.70
N ALA B 87 -9.50 3.05 28.78
CA ALA B 87 -9.44 3.89 27.58
C ALA B 87 -8.15 3.60 26.81
N PHE B 88 -7.05 3.26 27.50
CA PHE B 88 -5.78 2.93 26.82
C PHE B 88 -5.95 1.64 26.01
N LEU B 89 -6.56 0.59 26.63
CA LEU B 89 -6.77 -0.67 25.94
C LEU B 89 -7.69 -0.50 24.72
N LYS B 90 -8.76 0.31 24.87
CA LYS B 90 -9.69 0.52 23.76
C LYS B 90 -8.95 1.24 22.62
N ALA B 91 -8.16 2.27 22.97
CA ALA B 91 -7.45 3.07 21.98
C ALA B 91 -6.43 2.25 21.17
N ILE B 92 -5.59 1.43 21.83
CA ILE B 92 -4.60 0.66 21.05
C ILE B 92 -5.30 -0.38 20.16
N ASN B 93 -6.45 -0.92 20.61
CA ASN B 93 -7.17 -1.88 19.80
C ASN B 93 -7.84 -1.20 18.57
N THR B 94 -8.33 0.05 18.73
CA THR B 94 -8.89 0.81 17.59
C THR B 94 -7.76 1.06 16.58
N LEU B 95 -6.57 1.51 17.05
CA LEU B 95 -5.46 1.77 16.14
C LEU B 95 -4.97 0.50 15.43
N SER B 96 -4.95 -0.64 16.16
N SER B 96 -4.93 -0.64 16.15
CA SER B 96 -4.55 -1.93 15.60
CA SER B 96 -4.49 -1.88 15.52
C SER B 96 -5.48 -2.33 14.43
C SER B 96 -5.47 -2.32 14.40
N GLU B 97 -6.80 -2.11 14.59
CA GLU B 97 -7.84 -2.42 13.58
C GLU B 97 -7.59 -1.54 12.34
N ILE B 98 -7.33 -0.24 12.56
CA ILE B 98 -7.06 0.67 11.44
C ILE B 98 -5.78 0.24 10.72
N ALA B 99 -4.71 -0.07 11.49
CA ALA B 99 -3.45 -0.47 10.88
C ALA B 99 -3.62 -1.77 10.05
N ASP B 100 -4.43 -2.71 10.54
CA ASP B 100 -4.63 -3.97 9.82
C ASP B 100 -5.36 -3.81 8.50
N VAL B 101 -6.19 -2.79 8.39
CA VAL B 101 -6.95 -2.57 7.17
C VAL B 101 -6.22 -1.62 6.22
N ALA B 102 -5.66 -0.51 6.75
CA ALA B 102 -5.15 0.58 5.91
C ALA B 102 -3.64 0.80 5.87
N PHE B 103 -2.87 0.08 6.70
CA PHE B 103 -1.42 0.30 6.74
C PHE B 103 -0.65 -1.02 6.63
N THR B 104 -1.20 -1.99 5.89
CA THR B 104 -0.54 -3.31 5.84
C THR B 104 0.87 -3.29 5.30
N THR B 105 1.17 -2.36 4.39
CA THR B 105 2.50 -2.28 3.77
C THR B 105 3.49 -1.46 4.58
N GLY B 106 3.06 -0.92 5.72
CA GLY B 106 3.92 -0.04 6.52
C GLY B 106 3.73 1.42 6.16
N ASN B 107 2.85 1.69 5.18
CA ASN B 107 2.43 3.03 4.79
C ASN B 107 0.95 2.99 4.49
N ALA B 108 0.28 4.16 4.42
CA ALA B 108 -1.14 4.16 4.09
C ALA B 108 -1.34 3.56 2.71
N GLY B 109 -2.35 2.70 2.59
CA GLY B 109 -2.63 2.09 1.29
C GLY B 109 -3.62 0.97 1.40
N LEU B 110 -4.69 1.07 0.60
CA LEU B 110 -5.71 0.05 0.53
C LEU B 110 -6.39 0.11 -0.85
N HIS B 111 -7.12 -0.96 -1.20
CA HIS B 111 -7.91 -1.01 -2.44
C HIS B 111 -9.34 -1.26 -2.11
N PHE B 112 -10.23 -0.77 -2.96
CA PHE B 112 -11.67 -1.05 -2.82
C PHE B 112 -12.31 -0.91 -4.19
N GLU B 113 -13.57 -1.32 -4.31
CA GLU B 113 -14.28 -1.18 -5.57
C GLU B 113 -15.57 -0.45 -5.33
N LEU B 114 -16.02 0.30 -6.35
CA LEU B 114 -17.32 0.97 -6.32
C LEU B 114 -18.11 0.56 -7.56
N ARG B 115 -19.42 0.39 -7.38
CA ARG B 115 -20.35 0.15 -8.48
C ARG B 115 -21.41 1.24 -8.39
N PRO B 116 -21.58 2.04 -9.45
CA PRO B 116 -22.57 3.11 -9.38
C PRO B 116 -24.02 2.61 -9.42
N GLY B 117 -24.89 3.31 -8.71
CA GLY B 117 -26.33 3.05 -8.68
C GLY B 117 -27.11 4.11 -9.43
N THR B 118 -28.45 4.03 -9.37
CA THR B 118 -29.34 4.95 -10.08
C THR B 118 -30.25 5.69 -9.12
N ALA B 119 -30.84 6.80 -9.59
CA ALA B 119 -31.84 7.59 -8.85
C ALA B 119 -32.66 8.36 -9.85
N ALA B 120 -33.94 8.58 -9.55
CA ALA B 120 -34.81 9.32 -10.45
C ALA B 120 -34.29 10.74 -10.67
N GLY B 121 -34.24 11.13 -11.92
CA GLY B 121 -33.80 12.45 -12.31
C GLY B 121 -32.30 12.67 -12.37
N VAL B 122 -31.49 11.62 -12.04
CA VAL B 122 -30.02 11.72 -12.10
C VAL B 122 -29.54 11.12 -13.41
N MET B 123 -28.97 11.94 -14.30
N MET B 123 -29.01 11.97 -14.33
CA MET B 123 -28.51 11.51 -15.63
CA MET B 123 -28.53 11.56 -15.66
C MET B 123 -27.05 11.18 -15.71
C MET B 123 -27.07 11.19 -15.73
N GLN B 124 -26.27 11.69 -14.76
CA GLN B 124 -24.85 11.40 -14.70
C GLN B 124 -24.33 11.66 -13.30
N THR B 125 -23.37 10.86 -12.87
CA THR B 125 -22.62 11.10 -11.67
C THR B 125 -21.14 11.00 -12.04
N THR B 126 -20.31 11.82 -11.39
CA THR B 126 -18.87 11.74 -11.57
C THR B 126 -18.21 11.75 -10.21
N LEU B 127 -17.54 10.65 -9.84
CA LEU B 127 -16.85 10.58 -8.57
C LEU B 127 -15.37 10.49 -8.89
N ILE B 128 -14.56 11.32 -8.23
CA ILE B 128 -13.10 11.29 -8.45
C ILE B 128 -12.39 11.19 -7.12
N THR B 129 -11.36 10.33 -7.01
CA THR B 129 -10.52 10.32 -5.82
C THR B 129 -9.09 10.18 -6.28
N ASP B 130 -8.24 11.16 -5.94
CA ASP B 130 -6.82 11.14 -6.32
C ASP B 130 -6.66 10.85 -7.82
N ASN B 131 -7.41 11.60 -8.64
CA ASN B 131 -7.39 11.55 -10.10
C ASN B 131 -7.88 10.23 -10.71
N GLN B 132 -8.56 9.37 -9.93
CA GLN B 132 -9.20 8.15 -10.44
C GLN B 132 -10.67 8.50 -10.61
N LYS B 133 -11.15 8.49 -11.84
CA LYS B 133 -12.47 8.98 -12.17
C LYS B 133 -13.48 7.90 -12.54
N LEU B 134 -14.70 8.02 -11.98
CA LEU B 134 -15.79 7.09 -12.31
C LEU B 134 -16.97 7.94 -12.83
N ILE B 135 -17.25 7.87 -14.13
CA ILE B 135 -18.36 8.58 -14.77
C ILE B 135 -19.45 7.55 -15.09
N TYR B 136 -20.65 7.78 -14.58
CA TYR B 136 -21.76 6.84 -14.78
C TYR B 136 -22.93 7.54 -15.44
N VAL B 137 -23.48 6.94 -16.53
CA VAL B 137 -24.60 7.51 -17.27
C VAL B 137 -25.74 6.48 -17.45
N ASN B 138 -26.05 5.74 -16.37
CA ASN B 138 -27.19 4.83 -16.30
C ASN B 138 -27.18 3.67 -17.32
N GLN B 139 -25.99 3.21 -17.75
CA GLN B 139 -25.84 2.00 -18.58
C GLN B 139 -25.68 0.77 -17.66
N MET B 140 -25.33 -0.44 -18.20
CA MET B 140 -25.09 -1.61 -17.35
C MET B 140 -23.92 -1.29 -16.38
N PRO B 141 -24.18 -1.34 -15.05
CA PRO B 141 -23.16 -0.92 -14.09
C PRO B 141 -22.08 -1.96 -13.93
N VAL B 142 -20.85 -1.48 -13.83
CA VAL B 142 -19.68 -2.32 -13.66
C VAL B 142 -18.91 -1.88 -12.38
N TRP B 143 -18.09 -2.77 -11.84
CA TRP B 143 -17.27 -2.44 -10.67
C TRP B 143 -16.01 -1.77 -11.16
N LYS B 144 -15.57 -0.76 -10.42
CA LYS B 144 -14.32 -0.06 -10.73
C LYS B 144 -13.43 -0.13 -9.49
N ARG B 145 -12.17 -0.52 -9.68
CA ARG B 145 -11.19 -0.62 -8.61
C ARG B 145 -10.49 0.71 -8.37
N PHE B 146 -10.34 1.07 -7.10
CA PHE B 146 -9.67 2.29 -6.67
C PHE B 146 -8.61 1.96 -5.62
N THR B 147 -7.62 2.84 -5.51
N THR B 147 -7.62 2.83 -5.51
CA THR B 147 -6.56 2.77 -4.51
CA THR B 147 -6.60 2.75 -4.49
C THR B 147 -6.62 4.06 -3.70
C THR B 147 -6.71 4.04 -3.67
N TRP B 148 -6.40 3.95 -2.38
CA TRP B 148 -6.29 5.11 -1.52
C TRP B 148 -5.16 4.90 -0.55
N PRO B 149 -4.22 5.86 -0.44
CA PRO B 149 -4.05 7.01 -1.34
C PRO B 149 -3.58 6.52 -2.72
N ALA B 150 -3.69 7.38 -3.74
CA ALA B 150 -3.10 7.08 -5.04
C ALA B 150 -2.15 8.23 -5.33
N ASP B 151 -0.94 7.93 -5.83
CA ASP B 151 0.04 8.96 -6.10
C ASP B 151 -0.48 9.95 -7.14
N THR B 152 -0.48 11.24 -6.76
CA THR B 152 -0.97 12.33 -7.62
C THR B 152 -0.46 13.68 -7.11
N GLU B 153 -0.30 14.64 -8.03
CA GLU B 153 0.19 15.97 -7.66
C GLU B 153 -0.88 16.78 -6.91
N ALA B 154 -2.16 16.48 -7.17
CA ALA B 154 -3.27 17.16 -6.52
C ALA B 154 -4.25 16.15 -5.87
N PRO B 155 -3.89 15.64 -4.68
CA PRO B 155 -4.80 14.69 -4.01
C PRO B 155 -6.12 15.34 -3.59
N GLY B 156 -7.14 14.51 -3.45
CA GLY B 156 -8.45 14.98 -3.02
C GLY B 156 -9.56 14.16 -3.63
N ALA B 157 -10.79 14.46 -3.26
CA ALA B 157 -11.93 13.76 -3.84
C ALA B 157 -13.02 14.74 -4.20
N SER B 158 -13.80 14.38 -5.21
CA SER B 158 -14.92 15.22 -5.61
C SER B 158 -16.08 14.40 -6.10
N LEU B 159 -17.28 14.98 -6.06
CA LEU B 159 -18.47 14.30 -6.56
C LEU B 159 -19.35 15.34 -7.22
N SER B 160 -19.84 15.01 -8.41
CA SER B 160 -20.73 15.89 -9.16
C SER B 160 -21.88 15.11 -9.76
N TRP B 161 -22.95 15.79 -10.19
CA TRP B 161 -24.05 15.08 -10.82
C TRP B 161 -24.76 15.99 -11.82
N VAL B 162 -25.42 15.36 -12.79
CA VAL B 162 -26.25 16.06 -13.79
C VAL B 162 -27.66 15.60 -13.49
N SER B 163 -28.59 16.56 -13.42
CA SER B 163 -29.97 16.22 -13.10
C SER B 163 -30.90 16.86 -14.11
N THR B 164 -32.16 16.43 -14.10
N THR B 164 -32.17 16.43 -14.09
CA THR B 164 -33.19 16.95 -15.01
CA THR B 164 -33.20 16.95 -14.99
C THR B 164 -33.41 18.46 -14.89
C THR B 164 -33.34 18.48 -14.90
N GLN B 165 -33.28 19.01 -13.67
CA GLN B 165 -33.50 20.45 -13.42
C GLN B 165 -32.32 21.34 -13.76
N ALA B 166 -31.10 20.78 -13.84
CA ALA B 166 -29.89 21.55 -14.10
C ALA B 166 -28.79 20.71 -14.70
N GLY B 167 -27.81 21.39 -15.30
CA GLY B 167 -26.62 20.77 -15.84
C GLY B 167 -25.72 20.36 -14.69
N THR B 168 -24.47 20.09 -14.98
CA THR B 168 -23.52 19.69 -13.96
C THR B 168 -23.52 20.56 -12.70
N ARG B 169 -23.60 19.91 -11.55
CA ARG B 169 -23.49 20.60 -10.28
C ARG B 169 -22.49 19.83 -9.41
N GLN B 170 -21.78 20.56 -8.58
CA GLN B 170 -20.80 19.97 -7.66
C GLN B 170 -21.48 19.66 -6.35
N TYR B 171 -21.36 18.41 -5.90
CA TYR B 171 -21.85 18.06 -4.57
C TYR B 171 -20.75 18.52 -3.57
N ALA B 172 -19.49 18.11 -3.80
CA ALA B 172 -18.39 18.53 -2.93
C ALA B 172 -17.07 18.40 -3.69
N ASP B 173 -16.08 19.21 -3.33
CA ASP B 173 -14.72 19.15 -3.87
CA ASP B 173 -14.73 19.20 -3.89
C ASP B 173 -13.85 19.29 -2.65
N LEU B 174 -13.23 18.18 -2.23
CA LEU B 174 -12.47 18.12 -0.97
C LEU B 174 -11.00 17.82 -1.20
N PRO B 175 -10.18 18.86 -1.30
CA PRO B 175 -8.76 18.63 -1.60
C PRO B 175 -7.97 18.05 -0.44
N GLY B 176 -6.83 17.48 -0.76
CA GLY B 176 -5.91 16.94 0.25
C GLY B 176 -5.93 15.42 0.30
N SER B 177 -4.92 14.86 0.99
CA SER B 177 -4.74 13.42 1.09
CA SER B 177 -4.75 13.42 1.09
C SER B 177 -5.92 12.70 1.73
N TRP B 178 -6.71 13.40 2.53
CA TRP B 178 -7.87 12.83 3.21
C TRP B 178 -9.19 13.07 2.48
N GLY B 179 -9.13 13.62 1.25
CA GLY B 179 -10.34 13.94 0.49
C GLY B 179 -11.37 12.82 0.44
N LEU B 180 -10.91 11.59 0.11
CA LEU B 180 -11.85 10.45 0.05
C LEU B 180 -12.55 10.22 1.37
N ILE B 181 -11.80 10.31 2.48
CA ILE B 181 -12.35 10.06 3.81
C ILE B 181 -13.36 11.12 4.20
N ARG B 182 -13.03 12.41 3.90
CA ARG B 182 -13.98 13.50 4.16
C ARG B 182 -15.27 13.29 3.37
N LEU B 183 -15.15 12.81 2.12
CA LEU B 183 -16.33 12.57 1.29
C LEU B 183 -17.14 11.37 1.84
N LEU B 184 -16.46 10.25 2.17
CA LEU B 184 -17.18 9.10 2.74
C LEU B 184 -17.93 9.46 4.02
N GLU B 185 -17.35 10.35 4.83
CA GLU B 185 -17.98 10.79 6.08
C GLU B 185 -19.38 11.38 5.83
N MET B 186 -19.55 12.05 4.67
CA MET B 186 -20.81 12.70 4.31
C MET B 186 -21.93 11.78 3.81
N ALA B 187 -21.59 10.55 3.45
CA ALA B 187 -22.57 9.62 2.90
C ALA B 187 -23.38 8.96 4.00
N ARG B 188 -24.62 8.59 3.65
CA ARG B 188 -25.45 7.71 4.48
C ARG B 188 -24.92 6.32 4.08
N ARG B 189 -24.65 5.47 5.08
N ARG B 189 -24.64 5.48 5.08
CA ARG B 189 -24.07 4.16 4.81
CA ARG B 189 -24.12 4.14 4.78
C ARG B 189 -24.81 3.06 5.58
C ARG B 189 -24.91 3.08 5.53
N LYS B 190 -25.00 1.89 4.93
CA LYS B 190 -25.67 0.71 5.50
C LYS B 190 -25.16 -0.53 4.79
N ALA B 191 -25.25 -1.72 5.43
CA ALA B 191 -24.83 -2.98 4.82
C ALA B 191 -25.58 -3.20 3.51
N ALA B 192 -24.87 -3.63 2.46
CA ALA B 192 -25.48 -3.87 1.17
C ALA B 192 -26.27 -5.19 1.17
N PRO B 193 -27.50 -5.23 0.61
CA PRO B 193 -28.26 -6.49 0.62
C PRO B 193 -27.70 -7.52 -0.36
N GLY B 194 -27.18 -8.61 0.18
CA GLY B 194 -26.59 -9.71 -0.58
C GLY B 194 -25.30 -9.42 -1.31
N VAL B 195 -24.43 -8.55 -0.73
CA VAL B 195 -23.11 -8.20 -1.28
C VAL B 195 -22.07 -8.41 -0.16
N ALA B 196 -21.22 -9.45 -0.30
CA ALA B 196 -20.20 -9.81 0.69
C ALA B 196 -19.15 -8.71 0.86
N SER B 197 -18.97 -8.23 2.13
CA SER B 197 -18.10 -7.11 2.53
C SER B 197 -18.45 -5.85 1.72
N GLY B 198 -19.76 -5.63 1.56
CA GLY B 198 -20.35 -4.52 0.81
C GLY B 198 -21.18 -3.56 1.62
N TRP B 199 -21.13 -2.27 1.23
CA TRP B 199 -21.88 -1.20 1.86
C TRP B 199 -22.60 -0.40 0.78
N SER B 200 -23.85 0.00 1.04
CA SER B 200 -24.55 0.86 0.11
CA SER B 200 -24.59 0.87 0.15
C SER B 200 -24.26 2.28 0.62
N LEU B 201 -23.75 3.14 -0.29
CA LEU B 201 -23.42 4.52 0.05
C LEU B 201 -24.41 5.45 -0.67
N SER B 202 -24.90 6.48 0.00
CA SER B 202 -25.80 7.43 -0.66
C SER B 202 -25.48 8.82 -0.18
N TRP B 203 -25.17 9.72 -1.12
CA TRP B 203 -24.95 11.12 -0.83
C TRP B 203 -26.21 11.87 -1.22
N GLN B 204 -26.82 12.56 -0.26
CA GLN B 204 -28.03 13.36 -0.55
C GLN B 204 -27.58 14.70 -1.13
N ALA B 205 -27.72 14.87 -2.45
CA ALA B 205 -27.28 16.08 -3.13
C ALA B 205 -28.16 17.29 -2.77
N GLN B 206 -27.70 18.49 -3.08
CA GLN B 206 -28.36 19.74 -2.70
C GLN B 206 -29.75 19.89 -3.27
N ASP B 207 -30.07 19.16 -4.35
CA ASP B 207 -31.40 19.19 -5.01
C ASP B 207 -32.34 18.11 -4.41
N GLY B 208 -31.86 17.41 -3.37
CA GLY B 208 -32.59 16.34 -2.70
C GLY B 208 -32.45 14.96 -3.32
N ARG B 209 -31.81 14.86 -4.52
CA ARG B 209 -31.65 13.55 -5.16
C ARG B 209 -30.48 12.79 -4.55
N MET B 210 -30.54 11.47 -4.64
CA MET B 210 -29.53 10.59 -4.10
C MET B 210 -28.48 10.21 -5.13
N LEU B 211 -27.21 10.27 -4.73
CA LEU B 211 -26.09 9.85 -5.57
C LEU B 211 -25.63 8.55 -4.91
N ASN B 212 -26.01 7.44 -5.53
CA ASN B 212 -25.89 6.08 -4.98
C ASN B 212 -24.74 5.28 -5.55
N TYR B 213 -24.04 4.55 -4.67
CA TYR B 213 -22.94 3.67 -5.05
C TYR B 213 -22.94 2.46 -4.10
N THR B 214 -22.34 1.35 -4.54
CA THR B 214 -22.10 0.22 -3.65
C THR B 214 -20.58 0.14 -3.50
N LEU B 215 -20.09 0.02 -2.27
CA LEU B 215 -18.69 -0.11 -1.94
C LEU B 215 -18.41 -1.59 -1.58
N ARG B 216 -17.36 -2.19 -2.17
CA ARG B 216 -16.94 -3.56 -1.86
C ARG B 216 -15.48 -3.45 -1.42
N THR B 217 -15.14 -4.08 -0.29
CA THR B 217 -13.81 -3.96 0.28
C THR B 217 -13.00 -5.24 0.20
N GLU B 218 -11.67 -5.13 0.42
CA GLU B 218 -10.78 -6.30 0.41
C GLU B 218 -10.72 -6.93 1.78
N ALA B 219 -10.74 -6.09 2.83
CA ALA B 219 -10.69 -6.49 4.25
C ALA B 219 -11.42 -5.47 5.12
N GLY B 220 -12.22 -5.98 6.05
CA GLY B 220 -12.98 -5.18 7.00
C GLY B 220 -13.84 -4.10 6.36
N GLU B 221 -13.80 -2.89 6.94
CA GLU B 221 -14.56 -1.71 6.49
C GLU B 221 -13.89 -0.97 5.34
N GLY B 222 -12.69 -1.43 4.95
CA GLY B 222 -11.93 -0.78 3.90
C GLY B 222 -11.68 0.67 4.28
N PRO B 223 -11.94 1.64 3.36
CA PRO B 223 -11.66 3.05 3.70
C PRO B 223 -12.54 3.60 4.82
N LEU B 224 -13.70 2.98 5.10
CA LEU B 224 -14.56 3.46 6.18
C LEU B 224 -13.90 3.33 7.55
N VAL B 225 -12.88 2.45 7.68
CA VAL B 225 -12.21 2.23 8.96
C VAL B 225 -11.52 3.53 9.44
N LEU B 226 -11.10 4.40 8.48
CA LEU B 226 -10.40 5.64 8.86
C LEU B 226 -11.32 6.58 9.66
N LEU B 227 -12.66 6.41 9.51
CA LEU B 227 -13.62 7.23 10.27
C LEU B 227 -13.58 6.95 11.79
N LYS B 228 -12.95 5.83 12.20
CA LYS B 228 -12.78 5.55 13.64
C LYS B 228 -11.77 6.52 14.28
N LEU B 229 -11.03 7.31 13.44
CA LEU B 229 -10.11 8.33 13.98
C LEU B 229 -10.83 9.65 14.29
N ARG B 230 -12.10 9.79 13.82
CA ARG B 230 -12.84 11.02 14.11
C ARG B 230 -13.00 11.15 15.63
N ASN B 231 -12.52 12.29 16.22
CA ASN B 231 -12.61 12.56 17.68
C ASN B 231 -11.81 11.55 18.51
N PHE B 232 -10.84 10.85 17.87
CA PHE B 232 -9.99 9.91 18.57
C PHE B 232 -9.00 10.67 19.46
N VAL B 233 -8.86 10.21 20.70
CA VAL B 233 -7.92 10.76 21.69
C VAL B 233 -6.96 9.65 22.11
N LEU B 234 -5.63 9.89 22.03
CA LEU B 234 -4.67 8.91 22.53
C LEU B 234 -4.52 9.18 24.04
N PRO B 235 -4.91 8.24 24.92
CA PRO B 235 -4.86 8.52 26.37
C PRO B 235 -3.48 8.86 26.87
N GLU B 236 -3.44 9.79 27.84
CA GLU B 236 -2.22 10.25 28.46
C GLU B 236 -1.66 9.24 29.48
N THR B 237 -2.43 8.20 29.82
CA THR B 237 -1.97 7.20 30.78
C THR B 237 -2.25 5.79 30.27
N VAL B 238 -1.35 4.88 30.61
CA VAL B 238 -1.46 3.44 30.35
C VAL B 238 -2.17 2.81 31.55
N PHE B 239 -1.73 3.18 32.77
CA PHE B 239 -2.23 2.61 34.03
C PHE B 239 -3.01 3.60 34.84
N GLU B 240 -4.00 3.11 35.60
CA GLU B 240 -4.76 3.95 36.53
C GLU B 240 -3.87 4.26 37.73
C1 GOL C . 9.14 7.73 -14.45
O1 GOL C . 8.69 8.89 -13.78
C2 GOL C . 8.83 6.50 -13.63
O2 GOL C . 9.57 6.51 -12.42
C3 GOL C . 7.36 6.29 -13.31
O3 GOL C . 6.93 7.16 -12.29
C1 GOL D . -1.57 -2.12 -1.12
O1 GOL D . -1.85 -1.07 -0.21
C2 GOL D . -1.36 -1.59 -2.51
O2 GOL D . -0.18 -0.79 -2.55
C3 GOL D . -1.23 -2.74 -3.49
O3 GOL D . -1.16 -2.26 -4.83
ZN ZN E . -1.69 10.41 -12.61
ZN ZN F . -5.66 -6.56 -3.37
C1 GOL G . -0.83 -1.97 17.22
O1 GOL G . 0.07 -2.97 16.81
C2 GOL G . -0.69 -0.70 16.41
O2 GOL G . -1.36 -0.85 15.16
C3 GOL G . -1.23 0.51 17.13
O3 GOL G . -1.54 0.23 18.50
ZN ZN H . -18.41 11.92 11.32
ZN ZN I . 3.08 -9.03 12.52
#